data_6URW
#
_entry.id   6URW
#
_cell.length_a   168.615
_cell.length_b   168.615
_cell.length_c   54.657
_cell.angle_alpha   90.000
_cell.angle_beta   90.000
_cell.angle_gamma   120.000
#
_symmetry.space_group_name_H-M   'P 63 2 2'
#
loop_
_entity.id
_entity.type
_entity.pdbx_description
1 polymer Ricin
2 non-polymer 1,2-ETHANEDIOL
3 non-polymer 'DIMETHYL SULFOXIDE'
4 non-polymer '4-[(thiophen-2-yl)methyl]benzoic acid'
5 water water
#
_entity_poly.entity_id   1
_entity_poly.type   'polypeptide(L)'
_entity_poly.pdbx_seq_one_letter_code
;MIFPKQYPIINFTTAGATVQSYTNFIRAVRGRLTTGADVRHEIPVLPNRVGLPINQRFILVELSNHAELSVTLALDVTNA
YVVGYRAGNSAYFFHPDNQEDAEAITHLFTDVQNRYTFAFGGNYDRLEQLAGNLRENIELGNGPLEEAISALYYYSTGGT
QLPTLARSFIICIQMISEAARFQYIEGEMRTRIRYNRRSAPDPSVITLENSWGRLSTAIQESNQGAFASPIQLQRRNGSK
FSVYDVSILIPIIALMVYRCAPPPSSQF
;
_entity_poly.pdbx_strand_id   A
#
loop_
_chem_comp.id
_chem_comp.type
_chem_comp.name
_chem_comp.formula
DMS non-polymer 'DIMETHYL SULFOXIDE' 'C2 H6 O S'
EDO non-polymer 1,2-ETHANEDIOL 'C2 H6 O2'
R7T non-polymer '4-[(thiophen-2-yl)methyl]benzoic acid' 'C12 H10 O2 S'
#
# COMPACT_ATOMS: atom_id res chain seq x y z
N PRO A 4 -3.11 -20.44 11.03
CA PRO A 4 -2.58 -20.55 12.39
C PRO A 4 -3.40 -19.75 13.42
N LYS A 5 -4.73 -19.71 13.25
CA LYS A 5 -5.66 -18.82 13.99
C LYS A 5 -5.62 -17.37 13.47
N GLN A 6 -4.45 -16.72 13.57
CA GLN A 6 -4.21 -15.33 13.13
C GLN A 6 -3.28 -15.19 11.89
N TYR A 7 -3.56 -14.18 11.06
CA TYR A 7 -2.73 -13.83 9.92
C TYR A 7 -1.41 -13.24 10.39
N PRO A 8 -0.36 -13.25 9.54
CA PRO A 8 0.94 -12.68 9.96
C PRO A 8 0.88 -11.18 10.30
N ILE A 9 1.58 -10.79 11.37
CA ILE A 9 1.61 -9.41 11.83
C ILE A 9 3.03 -8.86 11.71
N ILE A 10 3.19 -7.73 11.01
CA ILE A 10 4.42 -6.93 11.05
C ILE A 10 4.19 -5.67 11.91
N ASN A 11 5.10 -5.39 12.83
CA ASN A 11 5.00 -4.22 13.68
C ASN A 11 5.90 -3.10 13.20
N PHE A 12 5.41 -1.87 13.32
CA PHE A 12 6.23 -0.69 13.07
C PHE A 12 5.79 0.44 14.00
N THR A 13 6.76 1.25 14.41
CA THR A 13 6.47 2.42 15.23
C THR A 13 7.20 3.64 14.66
N THR A 14 6.53 4.78 14.65
CA THR A 14 7.13 6.04 14.28
C THR A 14 8.02 6.58 15.39
N ALA A 15 7.85 6.08 16.61
CA ALA A 15 8.62 6.53 17.76
C ALA A 15 10.08 6.12 17.67
N GLY A 16 10.95 7.07 17.39
CA GLY A 16 12.38 6.79 17.23
C GLY A 16 12.71 6.11 15.90
N ALA A 17 11.80 6.21 14.94
CA ALA A 17 11.97 5.56 13.66
C ALA A 17 13.22 6.08 12.97
N THR A 18 13.95 5.16 12.35
CA THR A 18 15.13 5.48 11.58
C THR A 18 14.96 4.93 10.17
N VAL A 19 15.88 5.35 9.32
CA VAL A 19 16.02 4.79 7.98
C VAL A 19 16.13 3.24 8.07
N GLN A 20 16.95 2.74 8.98
CA GLN A 20 17.14 1.29 9.11
C GLN A 20 15.83 0.58 9.54
N SER A 21 15.11 1.18 10.50
CA SER A 21 13.92 0.53 11.08
C SER A 21 12.79 0.53 10.07
N TYR A 22 12.70 1.59 9.28
CA TYR A 22 11.72 1.66 8.20
C TYR A 22 12.06 0.65 7.12
N THR A 23 13.36 0.56 6.82
CA THR A 23 13.85 -0.38 5.83
C THR A 23 13.53 -1.84 6.19
N ASN A 24 13.78 -2.21 7.45
CA ASN A 24 13.49 -3.57 7.92
C ASN A 24 11.99 -3.84 7.89
N PHE A 25 11.21 -2.81 8.23
CA PHE A 25 9.77 -2.89 8.22
C PHE A 25 9.23 -3.20 6.83
N ILE A 26 9.63 -2.40 5.86
CA ILE A 26 9.24 -2.65 4.47
C ILE A 26 9.75 -4.01 3.94
N ARG A 27 10.97 -4.38 4.33
CA ARG A 27 11.53 -5.70 3.99
C ARG A 27 10.62 -6.80 4.49
N ALA A 28 10.21 -6.70 5.77
CA ALA A 28 9.35 -7.71 6.40
C ALA A 28 7.94 -7.83 5.76
N VAL A 29 7.40 -6.69 5.35
CA VAL A 29 6.09 -6.62 4.69
C VAL A 29 6.17 -7.32 3.35
N ARG A 30 7.19 -7.00 2.55
CA ARG A 30 7.42 -7.70 1.28
C ARG A 30 7.58 -9.20 1.47
N GLY A 31 8.34 -9.60 2.50
CA GLY A 31 8.53 -10.99 2.86
C GLY A 31 7.21 -11.71 3.02
N ARG A 32 6.35 -11.17 3.89
CA ARG A 32 5.03 -11.75 4.11
C ARG A 32 4.13 -11.68 2.89
N LEU A 33 4.22 -10.61 2.10
CA LEU A 33 3.44 -10.50 0.86
C LEU A 33 3.80 -11.56 -0.18
N THR A 34 5.04 -12.03 -0.17
CA THR A 34 5.59 -12.90 -1.20
C THR A 34 5.82 -14.34 -0.73
N THR A 35 5.34 -14.72 0.45
CA THR A 35 5.33 -16.12 0.87
C THR A 35 4.79 -17.04 -0.23
N GLY A 36 3.65 -16.67 -0.82
CA GLY A 36 3.05 -17.42 -1.92
C GLY A 36 3.25 -16.81 -3.29
N ALA A 37 4.25 -15.93 -3.43
CA ALA A 37 4.50 -15.29 -4.70
C ALA A 37 5.24 -16.24 -5.66
N ASP A 38 5.14 -15.87 -6.94
CA ASP A 38 5.90 -16.50 -7.98
C ASP A 38 7.18 -15.67 -8.16
N VAL A 39 8.29 -16.22 -7.65
CA VAL A 39 9.59 -15.56 -7.70
C VAL A 39 10.52 -16.22 -8.72
N ARG A 40 9.96 -16.77 -9.79
CA ARG A 40 10.73 -17.47 -10.82
C ARG A 40 11.33 -16.52 -11.83
N HIS A 41 10.73 -15.34 -12.02
CA HIS A 41 11.18 -14.37 -13.03
C HIS A 41 11.90 -13.17 -12.38
N GLU A 42 12.13 -12.09 -13.12
CA GLU A 42 13.01 -11.03 -12.59
C GLU A 42 12.35 -10.20 -11.50
N ILE A 43 11.02 -10.08 -11.59
CA ILE A 43 10.22 -9.36 -10.61
C ILE A 43 9.17 -10.29 -9.99
N PRO A 44 9.07 -10.32 -8.64
CA PRO A 44 8.06 -11.14 -7.98
C PRO A 44 6.64 -10.80 -8.43
N VAL A 45 5.84 -11.86 -8.62
CA VAL A 45 4.43 -11.75 -8.94
C VAL A 45 3.66 -12.26 -7.72
N LEU A 46 2.81 -11.38 -7.18
CA LEU A 46 1.95 -11.71 -6.04
C LEU A 46 1.01 -12.86 -6.41
N PRO A 47 0.54 -13.63 -5.42
CA PRO A 47 -0.35 -14.74 -5.75
C PRO A 47 -1.59 -14.30 -6.50
N ASN A 48 -2.06 -15.20 -7.35
CA ASN A 48 -3.33 -15.05 -8.04
C ASN A 48 -4.46 -15.01 -7.02
N ARG A 49 -5.31 -13.99 -7.15
CA ARG A 49 -6.57 -13.89 -6.43
C ARG A 49 -7.45 -15.15 -6.57
N VAL A 50 -7.49 -15.71 -7.78
CA VAL A 50 -8.36 -16.85 -8.08
C VAL A 50 -7.79 -18.12 -7.46
N GLY A 51 -8.54 -18.72 -6.53
CA GLY A 51 -8.16 -19.99 -5.90
C GLY A 51 -7.27 -19.89 -4.69
N LEU A 52 -7.02 -18.66 -4.22
CA LEU A 52 -6.13 -18.45 -3.08
C LEU A 52 -6.90 -18.83 -1.82
N PRO A 53 -6.37 -19.76 -1.00
CA PRO A 53 -7.11 -20.05 0.22
C PRO A 53 -7.20 -18.83 1.12
N ILE A 54 -8.34 -18.69 1.77
CA ILE A 54 -8.61 -17.57 2.65
C ILE A 54 -7.56 -17.37 3.77
N ASN A 55 -6.97 -18.45 4.28
CA ASN A 55 -5.95 -18.32 5.34
C ASN A 55 -4.59 -17.77 4.88
N GLN A 56 -4.41 -17.62 3.57
CA GLN A 56 -3.23 -17.00 2.98
C GLN A 56 -3.52 -15.65 2.33
N ARG A 57 -4.73 -15.12 2.49
CA ARG A 57 -5.18 -13.95 1.71
C ARG A 57 -4.67 -12.58 2.24
N PHE A 58 -4.45 -12.45 3.54
CA PHE A 58 -4.16 -11.13 4.13
C PHE A 58 -2.95 -11.15 5.02
N ILE A 59 -2.36 -9.98 5.19
CA ILE A 59 -1.38 -9.74 6.23
C ILE A 59 -1.84 -8.52 7.02
N LEU A 60 -1.35 -8.42 8.25
CA LEU A 60 -1.69 -7.37 9.15
C LEU A 60 -0.44 -6.54 9.40
N VAL A 61 -0.61 -5.22 9.38
CA VAL A 61 0.45 -4.28 9.70
C VAL A 61 0.03 -3.42 10.89
N GLU A 62 0.68 -3.65 12.03
CA GLU A 62 0.36 -2.95 13.26
C GLU A 62 1.28 -1.74 13.40
N LEU A 63 0.66 -0.57 13.43
CA LEU A 63 1.34 0.69 13.52
C LEU A 63 1.09 1.32 14.87
N SER A 64 2.15 1.90 15.41
CA SER A 64 2.15 2.53 16.69
C SER A 64 2.98 3.81 16.58
N ASN A 65 2.83 4.75 17.52
CA ASN A 65 3.54 6.05 17.49
C ASN A 65 4.04 6.49 18.88
N HIS A 66 4.61 7.69 19.00
CA HIS A 66 5.01 8.31 20.30
C HIS A 66 3.89 8.33 21.35
N ALA A 67 2.64 8.49 20.90
CA ALA A 67 1.48 8.48 21.81
C ALA A 67 1.11 7.06 22.24
N GLU A 68 1.74 6.05 21.63
CA GLU A 68 1.50 4.64 21.91
C GLU A 68 0.06 4.23 21.62
N LEU A 69 -0.50 4.90 20.63
CA LEU A 69 -1.75 4.48 20.06
C LEU A 69 -1.39 3.44 19.03
N SER A 70 -2.31 2.53 18.79
CA SER A 70 -2.04 1.43 17.90
C SER A 70 -3.23 1.20 16.98
N VAL A 71 -2.95 1.06 15.70
CA VAL A 71 -3.93 0.58 14.75
C VAL A 71 -3.30 -0.50 13.89
N THR A 72 -4.15 -1.40 13.37
CA THR A 72 -3.71 -2.48 12.53
C THR A 72 -4.42 -2.44 11.17
N LEU A 73 -3.63 -2.32 10.10
CA LEU A 73 -4.15 -2.34 8.74
C LEU A 73 -4.12 -3.75 8.23
N ALA A 74 -5.14 -4.12 7.45
CA ALA A 74 -5.15 -5.36 6.72
C ALA A 74 -4.79 -5.08 5.28
N LEU A 75 -3.78 -5.80 4.77
CA LEU A 75 -3.38 -5.72 3.36
C LEU A 75 -3.72 -7.02 2.68
N ASP A 76 -4.14 -6.91 1.43
CA ASP A 76 -4.49 -8.03 0.58
C ASP A 76 -3.20 -8.46 -0.11
N VAL A 77 -2.78 -9.70 0.11
CA VAL A 77 -1.54 -10.19 -0.50
C VAL A 77 -1.57 -10.22 -2.03
N THR A 78 -2.74 -10.14 -2.65
CA THR A 78 -2.85 -10.21 -4.11
C THR A 78 -2.54 -8.90 -4.81
N ASN A 79 -2.69 -7.80 -4.10
CA ASN A 79 -2.31 -6.49 -4.60
C ASN A 79 -1.56 -5.56 -3.62
N ALA A 80 -1.25 -6.05 -2.42
CA ALA A 80 -0.50 -5.30 -1.43
C ALA A 80 -1.23 -4.07 -0.92
N TYR A 81 -2.53 -3.96 -1.20
CA TYR A 81 -3.26 -2.75 -0.89
C TYR A 81 -4.03 -2.91 0.42
N VAL A 82 -4.17 -1.80 1.13
CA VAL A 82 -4.93 -1.76 2.38
C VAL A 82 -6.41 -1.97 2.06
N VAL A 83 -7.04 -2.93 2.71
CA VAL A 83 -8.49 -3.14 2.57
C VAL A 83 -9.34 -2.67 3.76
N GLY A 84 -8.69 -2.33 4.87
CA GLY A 84 -9.38 -1.96 6.09
C GLY A 84 -8.41 -1.89 7.24
N TYR A 85 -8.93 -1.58 8.42
CA TYR A 85 -8.12 -1.51 9.62
C TYR A 85 -8.90 -1.69 10.90
N ARG A 86 -8.17 -1.86 11.99
CA ARG A 86 -8.74 -2.02 13.31
C ARG A 86 -8.20 -0.94 14.23
N ALA A 87 -9.09 -0.35 15.00
CA ALA A 87 -8.73 0.51 16.11
C ALA A 87 -9.63 0.12 17.28
N GLY A 88 -9.01 -0.33 18.37
CA GLY A 88 -9.72 -0.73 19.56
C GLY A 88 -10.67 -1.87 19.24
N ASN A 89 -11.93 -1.68 19.60
CA ASN A 89 -12.92 -2.71 19.44
C ASN A 89 -13.75 -2.55 18.15
N SER A 90 -13.22 -1.79 17.18
CA SER A 90 -13.90 -1.54 15.91
C SER A 90 -12.97 -1.81 14.73
N ALA A 91 -13.57 -2.24 13.63
CA ALA A 91 -12.88 -2.42 12.40
C ALA A 91 -13.68 -1.75 11.27
N TYR A 92 -12.95 -1.17 10.32
CA TYR A 92 -13.50 -0.37 9.23
C TYR A 92 -12.95 -0.88 7.92
N PHE A 93 -13.82 -1.09 6.93
CA PHE A 93 -13.41 -1.65 5.64
C PHE A 93 -13.81 -0.76 4.48
N PHE A 94 -12.97 -0.69 3.46
CA PHE A 94 -13.35 -0.08 2.21
C PHE A 94 -14.42 -0.92 1.55
N HIS A 95 -15.27 -0.28 0.77
CA HIS A 95 -16.33 -0.96 0.06
C HIS A 95 -15.71 -1.95 -0.92
N PRO A 96 -16.00 -3.23 -0.75
CA PRO A 96 -15.48 -4.20 -1.72
C PRO A 96 -16.18 -4.09 -3.08
N ASP A 97 -15.48 -4.46 -4.16
CA ASP A 97 -16.01 -4.32 -5.55
C ASP A 97 -16.88 -5.49 -5.99
N ASN A 98 -16.83 -6.60 -5.25
CA ASN A 98 -17.57 -7.80 -5.62
C ASN A 98 -17.87 -8.64 -4.39
N GLN A 99 -18.78 -9.58 -4.59
CA GLN A 99 -19.28 -10.47 -3.52
C GLN A 99 -18.17 -11.34 -2.86
N GLU A 100 -17.18 -11.77 -3.63
CA GLU A 100 -16.12 -12.68 -3.16
C GLU A 100 -15.19 -11.91 -2.22
N ASP A 101 -14.78 -10.72 -2.63
CA ASP A 101 -14.03 -9.80 -1.76
C ASP A 101 -14.76 -9.42 -0.49
N ALA A 102 -16.09 -9.27 -0.60
CA ALA A 102 -16.93 -8.99 0.56
C ALA A 102 -16.94 -10.14 1.54
N GLU A 103 -16.97 -11.37 1.02
CA GLU A 103 -16.87 -12.57 1.89
C GLU A 103 -15.47 -12.67 2.50
N ALA A 104 -14.44 -12.38 1.70
CA ALA A 104 -13.07 -12.51 2.17
C ALA A 104 -12.79 -11.68 3.43
N ILE A 105 -13.28 -10.45 3.46
CA ILE A 105 -13.02 -9.56 4.59
C ILE A 105 -13.79 -9.93 5.87
N THR A 106 -14.79 -10.80 5.77
CA THR A 106 -15.47 -11.32 6.97
C THR A 106 -14.53 -12.16 7.81
N HIS A 107 -13.44 -12.61 7.21
CA HIS A 107 -12.40 -13.36 7.94
C HIS A 107 -11.36 -12.47 8.65
N LEU A 108 -11.49 -11.14 8.56
CA LEU A 108 -10.54 -10.25 9.21
C LEU A 108 -11.11 -9.74 10.52
N PHE A 109 -10.24 -9.59 11.52
CA PHE A 109 -10.60 -8.97 12.77
C PHE A 109 -11.91 -9.56 13.37
N THR A 110 -12.01 -10.89 13.37
CA THR A 110 -13.24 -11.59 13.79
C THR A 110 -13.55 -11.36 15.29
N ASP A 111 -12.48 -11.17 16.06
CA ASP A 111 -12.50 -10.67 17.45
C ASP A 111 -13.42 -9.45 17.77
N VAL A 112 -13.59 -8.51 16.83
CA VAL A 112 -14.14 -7.18 17.19
C VAL A 112 -15.65 -7.11 17.32
N GLN A 113 -16.10 -6.27 18.25
CA GLN A 113 -17.51 -6.02 18.50
C GLN A 113 -18.15 -5.30 17.31
N ASN A 114 -17.50 -4.25 16.82
CA ASN A 114 -18.10 -3.34 15.84
C ASN A 114 -17.40 -3.43 14.48
N ARG A 115 -18.17 -3.78 13.45
CA ARG A 115 -17.68 -3.88 12.08
C ARG A 115 -18.44 -2.91 11.20
N TYR A 116 -17.71 -2.14 10.38
CA TYR A 116 -18.27 -1.12 9.51
C TYR A 116 -17.66 -1.23 8.14
N THR A 117 -18.49 -1.14 7.11
CA THR A 117 -18.03 -1.05 5.74
C THR A 117 -18.36 0.36 5.24
N PHE A 118 -17.34 1.15 4.95
CA PHE A 118 -17.53 2.43 4.28
C PHE A 118 -18.26 2.25 2.96
N ALA A 119 -18.99 3.29 2.54
CA ALA A 119 -19.61 3.36 1.22
C ALA A 119 -18.60 3.45 0.07
N PHE A 120 -17.43 4.00 0.37
CA PHE A 120 -16.41 4.29 -0.62
C PHE A 120 -15.28 3.24 -0.64
N GLY A 121 -14.72 3.06 -1.83
CA GLY A 121 -13.53 2.24 -2.02
C GLY A 121 -12.30 3.01 -1.62
N GLY A 122 -11.16 2.33 -1.64
CA GLY A 122 -9.89 2.91 -1.19
C GLY A 122 -8.97 3.42 -2.28
N ASN A 123 -9.46 3.51 -3.51
CA ASN A 123 -8.67 4.11 -4.60
C ASN A 123 -8.40 5.61 -4.33
N TYR A 124 -7.26 6.10 -4.81
CA TYR A 124 -6.82 7.48 -4.59
C TYR A 124 -7.78 8.54 -5.08
N ASP A 125 -8.36 8.33 -6.25
CA ASP A 125 -9.31 9.29 -6.85
C ASP A 125 -10.38 9.66 -5.84
N ARG A 126 -10.93 8.63 -5.21
CA ARG A 126 -12.01 8.77 -4.27
C ARG A 126 -11.52 9.30 -2.94
N LEU A 127 -10.39 8.79 -2.45
CA LEU A 127 -9.83 9.27 -1.18
C LEU A 127 -9.39 10.72 -1.23
N GLU A 128 -8.87 11.16 -2.38
CA GLU A 128 -8.47 12.56 -2.55
C GLU A 128 -9.69 13.47 -2.48
N GLN A 129 -10.80 12.99 -3.07
CA GLN A 129 -12.09 13.65 -3.00
C GLN A 129 -12.58 13.82 -1.56
N LEU A 130 -12.55 12.74 -0.82
CA LEU A 130 -13.00 12.78 0.58
C LEU A 130 -12.11 13.67 1.43
N ALA A 131 -10.80 13.58 1.21
CA ALA A 131 -9.84 14.44 1.92
C ALA A 131 -9.87 15.90 1.52
N GLY A 132 -10.36 16.19 0.31
CA GLY A 132 -10.33 17.55 -0.23
C GLY A 132 -8.90 17.95 -0.57
N ASN A 133 -8.07 16.96 -0.90
CA ASN A 133 -6.65 17.20 -1.11
C ASN A 133 -6.11 16.18 -2.10
N LEU A 134 -5.33 16.65 -3.07
CA LEU A 134 -4.66 15.77 -4.01
C LEU A 134 -3.41 15.22 -3.34
N ARG A 135 -2.93 14.08 -3.82
CA ARG A 135 -1.67 13.52 -3.31
C ARG A 135 -0.52 14.51 -3.35
N GLU A 136 -0.49 15.36 -4.37
CA GLU A 136 0.59 16.34 -4.55
C GLU A 136 0.63 17.45 -3.51
N ASN A 137 -0.40 17.56 -2.66
CA ASN A 137 -0.41 18.51 -1.54
C ASN A 137 -0.58 17.86 -0.19
N ILE A 138 -0.39 16.53 -0.11
CA ILE A 138 -0.43 15.79 1.16
C ILE A 138 0.98 15.30 1.46
N GLU A 139 1.55 15.82 2.54
CA GLU A 139 2.91 15.55 2.91
C GLU A 139 3.07 14.14 3.46
N LEU A 140 4.19 13.50 3.11
CA LEU A 140 4.60 12.20 3.60
C LEU A 140 5.88 12.34 4.41
N GLY A 141 6.09 11.39 5.31
CA GLY A 141 7.25 11.41 6.21
C GLY A 141 6.85 10.74 7.49
N ASN A 142 7.76 10.70 8.44
CA ASN A 142 7.49 10.09 9.76
C ASN A 142 6.42 10.87 10.54
N GLY A 143 6.51 12.19 10.46
CA GLY A 143 5.60 13.09 11.15
C GLY A 143 4.19 12.89 10.66
N PRO A 144 3.99 13.02 9.33
CA PRO A 144 2.68 12.73 8.79
C PRO A 144 2.14 11.34 9.12
N LEU A 145 3.01 10.34 9.17
CA LEU A 145 2.58 8.97 9.47
C LEU A 145 2.19 8.84 10.92
N GLU A 146 2.93 9.48 11.81
CA GLU A 146 2.59 9.59 13.22
C GLU A 146 1.21 10.19 13.44
N GLU A 147 0.92 11.26 12.71
CA GLU A 147 -0.36 11.94 12.83
C GLU A 147 -1.49 11.10 12.20
N ALA A 148 -1.18 10.40 11.10
CA ALA A 148 -2.16 9.52 10.46
C ALA A 148 -2.59 8.37 11.39
N ILE A 149 -1.63 7.85 12.15
CA ILE A 149 -1.89 6.77 13.12
C ILE A 149 -2.85 7.22 14.23
N SER A 150 -2.54 8.37 14.83
CA SER A 150 -3.45 8.98 15.83
C SER A 150 -4.85 9.20 15.24
N ALA A 151 -4.91 9.74 14.03
CA ALA A 151 -6.21 10.08 13.42
C ALA A 151 -7.04 8.84 13.16
N LEU A 152 -6.40 7.78 12.69
CA LEU A 152 -7.06 6.49 12.45
C LEU A 152 -7.57 5.89 13.75
N TYR A 153 -6.78 6.04 14.82
CA TYR A 153 -7.18 5.50 16.11
C TYR A 153 -8.44 6.24 16.58
N TYR A 154 -8.35 7.56 16.58
CA TYR A 154 -9.42 8.38 17.12
C TYR A 154 -10.66 8.47 16.24
N TYR A 155 -10.62 7.93 15.00
CA TYR A 155 -11.87 7.75 14.27
C TYR A 155 -12.87 6.90 15.06
N SER A 156 -12.38 5.89 15.78
CA SER A 156 -13.23 4.97 16.54
C SER A 156 -13.86 5.55 17.80
N THR A 157 -13.39 6.71 18.25
CA THR A 157 -13.91 7.40 19.42
C THR A 157 -14.73 8.64 19.06
N GLY A 158 -14.94 8.88 17.77
CA GLY A 158 -15.59 10.10 17.31
C GLY A 158 -14.69 11.33 17.27
N GLY A 159 -13.38 11.16 17.43
CA GLY A 159 -12.45 12.29 17.47
C GLY A 159 -11.85 12.72 16.13
N THR A 160 -12.13 11.98 15.06
CA THR A 160 -11.53 12.26 13.77
C THR A 160 -12.64 12.44 12.74
N GLN A 161 -12.56 13.51 11.97
CA GLN A 161 -13.54 13.74 10.89
C GLN A 161 -13.09 13.00 9.60
N LEU A 162 -14.07 12.56 8.81
CA LEU A 162 -13.77 11.77 7.62
C LEU A 162 -12.72 12.35 6.63
N PRO A 163 -12.71 13.67 6.40
CA PRO A 163 -11.67 14.15 5.47
C PRO A 163 -10.24 13.88 5.97
N THR A 164 -10.03 14.02 7.28
CA THR A 164 -8.75 13.70 7.92
C THR A 164 -8.47 12.21 7.90
N LEU A 165 -9.50 11.38 8.09
CA LEU A 165 -9.35 9.96 7.96
C LEU A 165 -8.86 9.58 6.58
N ALA A 166 -9.44 10.18 5.54
CA ALA A 166 -9.09 9.87 4.16
C ALA A 166 -7.68 10.31 3.87
N ARG A 167 -7.32 11.48 4.40
CA ARG A 167 -5.97 11.99 4.21
C ARG A 167 -4.95 11.05 4.88
N SER A 168 -5.34 10.54 6.04
CA SER A 168 -4.51 9.62 6.80
C SER A 168 -4.35 8.29 6.05
N PHE A 169 -5.41 7.81 5.41
CA PHE A 169 -5.31 6.59 4.59
C PHE A 169 -4.33 6.82 3.45
N ILE A 170 -4.39 7.98 2.82
CA ILE A 170 -3.56 8.30 1.67
C ILE A 170 -2.09 8.25 2.09
N ILE A 171 -1.80 8.77 3.28
CA ILE A 171 -0.47 8.73 3.84
C ILE A 171 -0.03 7.29 4.08
N CYS A 172 -0.85 6.51 4.78
CA CYS A 172 -0.52 5.12 5.17
C CYS A 172 -0.34 4.21 3.96
N ILE A 173 -1.22 4.34 2.98
CA ILE A 173 -1.16 3.52 1.80
C ILE A 173 0.14 3.81 1.03
N GLN A 174 0.50 5.07 0.88
CA GLN A 174 1.71 5.42 0.17
C GLN A 174 2.98 4.95 0.87
N MET A 175 3.06 5.15 2.19
CA MET A 175 4.26 4.80 2.97
C MET A 175 4.43 3.28 3.26
N ILE A 176 3.40 2.49 2.98
CA ILE A 176 3.40 1.08 3.28
C ILE A 176 3.15 0.27 2.01
N SER A 177 1.95 0.37 1.46
CA SER A 177 1.62 -0.38 0.26
C SER A 177 2.50 0.00 -0.91
N GLU A 178 2.62 1.29 -1.21
CA GLU A 178 3.36 1.70 -2.41
C GLU A 178 4.86 1.57 -2.19
N ALA A 179 5.31 1.74 -0.95
CA ALA A 179 6.70 1.51 -0.64
C ALA A 179 7.06 0.00 -0.75
N ALA A 180 6.14 -0.88 -0.36
CA ALA A 180 6.30 -2.31 -0.59
C ALA A 180 6.36 -2.66 -2.09
N ARG A 181 5.49 -2.03 -2.88
CA ARG A 181 5.41 -2.28 -4.33
C ARG A 181 6.58 -1.75 -5.13
N PHE A 182 7.19 -0.67 -4.65
CA PHE A 182 8.17 0.09 -5.40
C PHE A 182 9.38 0.41 -4.53
N GLN A 183 10.55 -0.13 -4.90
CA GLN A 183 11.81 0.25 -4.24
C GLN A 183 12.10 1.74 -4.39
N TYR A 184 11.65 2.34 -5.49
CA TYR A 184 11.85 3.78 -5.71
C TYR A 184 11.09 4.64 -4.70
N ILE A 185 9.88 4.22 -4.38
CA ILE A 185 9.05 4.91 -3.41
C ILE A 185 9.57 4.66 -1.99
N GLU A 186 9.99 3.42 -1.69
CA GLU A 186 10.64 3.14 -0.40
C GLU A 186 11.85 4.08 -0.20
N GLY A 187 12.63 4.27 -1.25
CA GLY A 187 13.78 5.14 -1.19
C GLY A 187 13.43 6.60 -0.94
N GLU A 188 12.41 7.08 -1.64
CA GLU A 188 11.85 8.42 -1.40
C GLU A 188 11.43 8.61 0.07
N MET A 189 10.89 7.57 0.69
CA MET A 189 10.56 7.64 2.10
C MET A 189 11.82 7.62 2.99
N ARG A 190 12.82 6.81 2.63
CA ARG A 190 14.07 6.79 3.39
C ARG A 190 14.71 8.18 3.48
N THR A 191 14.78 8.90 2.35
CA THR A 191 15.29 10.26 2.31
C THR A 191 14.51 11.20 3.25
N ARG A 192 13.18 11.13 3.20
CA ARG A 192 12.33 11.92 4.11
C ARG A 192 12.61 11.60 5.56
N ILE A 193 12.78 10.32 5.88
CA ILE A 193 13.09 9.91 7.26
C ILE A 193 14.48 10.38 7.69
N ARG A 194 15.48 10.26 6.81
CA ARG A 194 16.85 10.65 7.15
C ARG A 194 16.94 12.12 7.59
N TYR A 195 16.39 13.00 6.75
CA TYR A 195 16.49 14.43 6.95
C TYR A 195 15.36 15.01 7.79
N ASN A 196 14.55 14.14 8.41
CA ASN A 196 13.49 14.54 9.30
C ASN A 196 12.52 15.49 8.59
N ARG A 197 12.25 15.24 7.31
CA ARG A 197 11.39 16.13 6.58
C ARG A 197 10.07 15.49 6.22
N ARG A 198 9.14 16.37 5.90
CA ARG A 198 7.83 15.99 5.45
C ARG A 198 7.60 16.78 4.17
N SER A 199 7.18 16.08 3.11
CA SER A 199 6.91 16.70 1.82
C SER A 199 6.05 15.81 0.96
N ALA A 200 5.21 16.45 0.15
CA ALA A 200 4.31 15.74 -0.73
C ALA A 200 5.12 15.05 -1.82
N PRO A 201 4.58 13.98 -2.39
CA PRO A 201 5.28 13.29 -3.46
C PRO A 201 5.31 14.10 -4.74
N ASP A 202 6.47 14.15 -5.40
CA ASP A 202 6.58 14.71 -6.76
C ASP A 202 5.93 13.80 -7.84
N PRO A 203 5.87 14.28 -9.10
CA PRO A 203 5.19 13.49 -10.12
C PRO A 203 5.81 12.12 -10.43
N SER A 204 7.09 11.92 -10.14
CA SER A 204 7.73 10.63 -10.36
C SER A 204 7.08 9.56 -9.48
N VAL A 205 6.84 9.90 -8.23
CA VAL A 205 6.16 9.00 -7.30
C VAL A 205 4.69 8.80 -7.69
N ILE A 206 4.02 9.87 -8.07
CA ILE A 206 2.59 9.80 -8.34
C ILE A 206 2.26 8.97 -9.59
N THR A 207 2.98 9.18 -10.69
CA THR A 207 2.71 8.41 -11.92
C THR A 207 3.08 6.93 -11.76
N LEU A 208 4.12 6.63 -10.98
CA LEU A 208 4.42 5.24 -10.67
C LEU A 208 3.26 4.57 -9.95
N GLU A 209 2.75 5.23 -8.91
CA GLU A 209 1.58 4.73 -8.18
C GLU A 209 0.39 4.48 -9.12
N ASN A 210 0.15 5.45 -9.99
CA ASN A 210 -0.96 5.36 -10.96
C ASN A 210 -0.72 4.27 -12.00
N SER A 211 0.55 4.03 -12.31
CA SER A 211 0.92 3.05 -13.34
C SER A 211 1.15 1.62 -12.85
N TRP A 212 0.97 1.35 -11.58
CA TRP A 212 1.34 0.03 -11.07
C TRP A 212 0.65 -1.15 -11.78
N GLY A 213 -0.64 -1.03 -12.04
CA GLY A 213 -1.38 -2.08 -12.72
C GLY A 213 -0.93 -2.22 -14.17
N ARG A 214 -0.79 -1.09 -14.86
CA ARG A 214 -0.34 -1.07 -16.25
C ARG A 214 1.06 -1.65 -16.41
N LEU A 215 1.97 -1.30 -15.51
CA LEU A 215 3.33 -1.84 -15.52
C LEU A 215 3.30 -3.34 -15.26
N SER A 216 2.56 -3.77 -14.25
CA SER A 216 2.36 -5.22 -14.00
C SER A 216 1.88 -5.98 -15.26
N THR A 217 1.02 -5.35 -16.03
CA THR A 217 0.49 -5.91 -17.27
C THR A 217 1.52 -5.94 -18.40
N ALA A 218 2.19 -4.81 -18.66
CA ALA A 218 3.15 -4.72 -19.75
C ALA A 218 4.32 -5.66 -19.55
N ILE A 219 4.73 -5.82 -18.29
CA ILE A 219 5.83 -6.69 -17.93
C ILE A 219 5.44 -8.15 -18.12
N GLN A 220 4.34 -8.57 -17.52
CA GLN A 220 3.93 -9.96 -17.65
C GLN A 220 3.47 -10.37 -19.08
N GLU A 221 3.14 -9.40 -19.93
CA GLU A 221 2.77 -9.66 -21.33
C GLU A 221 3.90 -9.34 -22.30
N SER A 222 5.10 -9.12 -21.79
CA SER A 222 6.21 -8.71 -22.63
C SER A 222 6.70 -9.90 -23.45
N ASN A 223 7.27 -9.60 -24.62
CA ASN A 223 7.96 -10.57 -25.45
C ASN A 223 9.43 -10.58 -25.04
N GLN A 224 9.84 -11.60 -24.30
CA GLN A 224 11.23 -11.73 -23.87
C GLN A 224 11.73 -10.47 -23.10
N GLY A 225 10.84 -9.88 -22.31
CA GLY A 225 11.13 -8.66 -21.57
C GLY A 225 11.00 -7.33 -22.31
N ALA A 226 10.64 -7.34 -23.60
CA ALA A 226 10.43 -6.09 -24.37
C ALA A 226 8.94 -5.85 -24.54
N PHE A 227 8.51 -4.59 -24.44
CA PHE A 227 7.08 -4.28 -24.37
C PHE A 227 6.41 -4.15 -25.73
N ALA A 228 5.17 -4.63 -25.79
CA ALA A 228 4.28 -4.45 -26.95
C ALA A 228 4.23 -2.97 -27.35
N SER A 229 3.83 -2.11 -26.41
CA SER A 229 3.88 -0.65 -26.58
C SER A 229 4.51 0.02 -25.34
N PRO A 230 5.26 1.13 -25.54
CA PRO A 230 5.97 1.71 -24.39
C PRO A 230 5.01 2.31 -23.37
N ILE A 231 5.40 2.28 -22.09
CA ILE A 231 4.64 2.94 -21.03
C ILE A 231 5.36 4.21 -20.64
N GLN A 232 4.56 5.23 -20.34
CA GLN A 232 5.03 6.57 -20.10
C GLN A 232 5.00 6.85 -18.58
N LEU A 233 6.13 7.34 -18.06
CA LEU A 233 6.29 7.76 -16.66
C LEU A 233 6.75 9.22 -16.62
N GLN A 234 6.83 9.79 -15.42
CA GLN A 234 7.30 11.17 -15.26
C GLN A 234 8.54 11.24 -14.38
N ARG A 235 9.38 12.23 -14.65
CA ARG A 235 10.54 12.54 -13.81
C ARG A 235 10.11 13.42 -12.66
N ARG A 236 11.03 13.68 -11.73
CA ARG A 236 10.79 14.58 -10.60
C ARG A 236 10.23 15.92 -11.06
N ASN A 237 10.73 16.45 -12.18
CA ASN A 237 10.26 17.75 -12.72
C ASN A 237 9.02 17.71 -13.61
N GLY A 238 8.33 16.58 -13.70
CA GLY A 238 7.08 16.51 -14.47
C GLY A 238 7.23 16.06 -15.92
N SER A 239 8.44 16.10 -16.46
CA SER A 239 8.67 15.76 -17.87
C SER A 239 8.42 14.27 -18.11
N LYS A 240 7.77 13.98 -19.22
CA LYS A 240 7.42 12.62 -19.59
C LYS A 240 8.60 11.94 -20.29
N PHE A 241 8.80 10.66 -19.98
CA PHE A 241 9.70 9.78 -20.73
C PHE A 241 8.99 8.45 -20.85
N SER A 242 9.55 7.52 -21.64
CA SER A 242 8.92 6.22 -21.85
C SER A 242 9.90 5.07 -21.68
N VAL A 243 9.35 3.89 -21.41
CA VAL A 243 10.13 2.70 -21.08
C VAL A 243 9.76 1.59 -22.07
N TYR A 244 10.79 1.05 -22.73
CA TYR A 244 10.64 0.06 -23.81
C TYR A 244 10.58 -1.37 -23.28
N ASP A 245 11.32 -1.64 -22.20
CA ASP A 245 11.54 -2.99 -21.71
C ASP A 245 11.73 -3.01 -20.19
N VAL A 246 11.65 -4.21 -19.62
CA VAL A 246 11.68 -4.40 -18.17
C VAL A 246 12.99 -4.02 -17.46
N SER A 247 14.10 -3.98 -18.19
CA SER A 247 15.45 -3.81 -17.63
C SER A 247 15.54 -2.71 -16.58
N ILE A 248 15.04 -1.54 -16.97
CA ILE A 248 15.08 -0.36 -16.14
C ILE A 248 14.08 -0.41 -14.97
N LEU A 249 13.07 -1.26 -15.07
CA LEU A 249 12.04 -1.38 -14.06
C LEU A 249 12.33 -2.39 -12.99
N ILE A 250 13.25 -3.32 -13.23
CA ILE A 250 13.58 -4.34 -12.22
C ILE A 250 14.03 -3.73 -10.87
N PRO A 251 14.84 -2.66 -10.89
CA PRO A 251 15.20 -2.01 -9.61
C PRO A 251 14.13 -1.09 -8.98
N ILE A 252 13.06 -0.82 -9.72
CA ILE A 252 12.03 0.17 -9.37
C ILE A 252 10.77 -0.47 -8.82
N ILE A 253 10.35 -1.58 -9.42
CA ILE A 253 9.16 -2.30 -8.99
C ILE A 253 9.54 -3.63 -8.34
N ALA A 254 9.08 -3.81 -7.11
CA ALA A 254 9.42 -4.92 -6.22
C ALA A 254 8.41 -6.08 -6.23
N LEU A 255 7.20 -5.77 -6.67
CA LEU A 255 6.07 -6.72 -6.61
C LEU A 255 5.15 -6.35 -7.72
N MET A 256 4.47 -7.34 -8.29
CA MET A 256 3.44 -7.07 -9.30
C MET A 256 2.16 -7.85 -9.03
N VAL A 257 1.05 -7.26 -9.45
CA VAL A 257 -0.24 -7.95 -9.38
C VAL A 257 -0.23 -9.03 -10.47
N TYR A 258 -0.81 -10.19 -10.15
CA TYR A 258 -0.95 -11.28 -11.10
C TYR A 258 -1.65 -10.83 -12.38
N ARG A 259 -1.02 -11.13 -13.50
CA ARG A 259 -1.57 -10.84 -14.82
C ARG A 259 -1.34 -12.07 -15.65
N CYS A 260 -2.08 -12.14 -16.75
CA CYS A 260 -2.26 -13.39 -17.43
C CYS A 260 -1.12 -13.82 -18.38
N ALA A 261 -0.94 -13.09 -19.49
CA ALA A 261 -0.03 -13.46 -20.64
C ALA A 261 -0.86 -13.83 -21.90
N PRO A 262 -0.27 -13.64 -23.11
CA PRO A 262 -1.02 -13.88 -24.34
C PRO A 262 -0.97 -15.35 -24.83
N PRO A 263 -1.84 -15.72 -25.80
CA PRO A 263 -1.72 -17.00 -26.52
C PRO A 263 -0.41 -17.13 -27.32
C1 EDO B . -16.75 15.99 8.48
O1 EDO B . -16.36 16.36 9.74
C2 EDO B . -17.20 14.57 8.42
O2 EDO B . -17.40 14.01 9.68
C1 EDO C . -15.76 15.46 -7.61
O1 EDO C . -16.45 14.60 -8.53
C2 EDO C . -14.76 16.34 -8.32
O2 EDO C . -13.43 15.93 -8.06
C1 EDO D . 13.71 -13.14 -8.04
O1 EDO D . 13.54 -14.48 -7.53
C2 EDO D . 12.43 -12.32 -7.84
O2 EDO D . 11.34 -12.88 -8.59
C1 EDO E . -4.93 -2.64 16.70
O1 EDO E . -3.56 -2.25 16.73
C2 EDO E . -5.63 -2.25 17.99
O2 EDO E . -6.15 -0.90 17.96
C1 EDO F . -3.97 11.16 -10.53
O1 EDO F . -2.71 11.66 -10.01
C2 EDO F . -5.11 12.19 -10.76
O2 EDO F . -5.22 13.27 -9.80
C1 EDO G . -3.93 -7.46 16.05
O1 EDO G . -2.96 -6.40 16.16
C2 EDO G . -5.11 -7.00 15.20
O2 EDO G . -6.12 -8.01 15.06
C1 EDO H . 12.70 -7.22 -1.69
O1 EDO H . 12.65 -6.06 -2.55
C2 EDO H . 13.57 -6.92 -0.47
O2 EDO H . 12.87 -6.14 0.51
C1 EDO I . 8.85 14.76 10.32
O1 EDO I . 8.43 14.24 9.03
C2 EDO I . 8.82 16.29 10.37
O2 EDO I . 7.62 16.77 11.03
C1 EDO J . 19.99 -1.45 0.04
O1 EDO J . 19.46 -0.16 -0.27
C2 EDO J . 19.49 -1.89 1.40
O2 EDO J . 18.11 -2.30 1.28
C1 EDO K . -4.69 -3.62 -10.12
O1 EDO K . -4.47 -2.92 -8.88
C2 EDO K . -5.83 -4.66 -10.02
O2 EDO K . -5.74 -5.43 -8.80
C1 EDO L . -11.37 17.90 10.96
O1 EDO L . -10.45 18.69 11.72
C2 EDO L . -10.63 17.12 9.86
O2 EDO L . -11.19 16.95 8.54
C1 EDO M . -18.55 5.31 -3.42
O1 EDO M . -17.36 6.05 -3.28
C2 EDO M . -19.62 5.96 -2.61
O2 EDO M . -19.14 7.19 -2.14
C1 EDO N . 12.98 -8.64 8.67
O1 EDO N . 13.48 -7.33 8.38
C2 EDO N . 13.25 -9.61 7.52
O2 EDO N . 12.05 -10.26 7.11
C1 EDO O . -17.24 -6.39 7.33
O1 EDO O . -17.14 -7.77 6.95
C2 EDO O . -18.69 -6.01 7.53
O2 EDO O . -19.25 -6.88 8.52
C1 EDO P . 15.12 7.41 -19.17
O1 EDO P . 15.92 8.58 -19.11
C2 EDO P . 14.49 7.11 -17.81
O2 EDO P . 15.47 6.88 -16.78
C1 EDO Q . -7.54 21.49 3.16
O1 EDO Q . -6.90 21.05 4.37
C2 EDO Q . -8.71 20.57 2.86
O2 EDO Q . -9.72 21.29 2.14
C1 EDO R . -11.47 10.40 23.32
O1 EDO R . -11.72 10.99 22.04
C2 EDO R . -12.75 10.30 24.16
O2 EDO R . -13.20 8.93 24.30
C1 EDO S . -9.45 20.18 7.76
O1 EDO S . -10.15 19.14 6.99
C2 EDO S . -9.84 21.63 7.44
O2 EDO S . -10.98 22.15 8.20
C1 EDO T . -0.69 16.20 5.39
O1 EDO T . 0.52 16.02 6.14
C2 EDO T . -0.86 17.63 4.84
O2 EDO T . -2.05 17.77 4.04
C1 EDO U . -7.04 -17.44 9.72
O1 EDO U . -7.84 -17.55 8.54
C2 EDO U . -5.62 -16.99 9.35
O2 EDO U . -4.66 -18.01 9.64
C1 EDO V . -18.67 4.94 9.00
O1 EDO V . -18.12 5.08 10.32
C2 EDO V . -19.16 3.51 8.76
O2 EDO V . -20.53 3.52 8.38
C1 EDO W . -4.38 -2.04 -16.70
O1 EDO W . -3.61 -2.94 -17.52
C2 EDO W . -4.40 -2.53 -15.26
O2 EDO W . -4.83 -1.54 -14.32
S DMS X . -16.55 11.70 -9.72
O DMS X . -15.81 10.94 -8.69
C1 DMS X . -17.42 10.50 -10.61
C2 DMS X . -17.85 12.57 -9.05
O1 R7T Y . 14.33 13.13 -11.94
C7 R7T Y . 14.56 12.22 -12.75
O2 R7T Y . 15.41 12.36 -13.67
C4 R7T Y . 13.82 10.92 -12.64
C5 R7T Y . 13.87 9.99 -13.67
C6 R7T Y . 13.20 8.78 -13.55
C3 R7T Y . 13.09 10.62 -11.50
C2 R7T Y . 12.42 9.41 -11.37
C1 R7T Y . 12.45 8.49 -12.41
C8 R7T Y . 11.73 7.18 -12.26
C9 R7T Y . 12.85 6.20 -12.20
S R7T Y . 12.90 5.03 -13.47
C12 R7T Y . 14.37 4.35 -12.82
C11 R7T Y . 14.79 5.02 -11.67
C10 R7T Y . 13.94 6.07 -11.32
#